data_5OWS
#
_entry.id   5OWS
#
_cell.length_a   91.560
_cell.length_b   98.390
_cell.length_c   118.440
_cell.angle_alpha   90.00
_cell.angle_beta   90.00
_cell.angle_gamma   90.00
#
_symmetry.space_group_name_H-M   'C 2 2 21'
#
loop_
_entity.id
_entity.type
_entity.pdbx_description
1 polymer Tankyrase-2
2 non-polymer 'SULFATE ION'
3 non-polymer 'ZINC ION'
4 non-polymer 2-[4-[(4~{S})-4-methyl-2-oxidanylidene-imidazolidin-4-yl]phenyl]-3~{H}-quinazolin-4-one
5 non-polymer GLYCEROL
6 water water
#
_entity_poly.entity_id   1
_entity_poly.type   'polypeptide(L)'
_entity_poly.pdbx_seq_one_letter_code
;MHHHHHHSSGVDLGTENLYFQSMLNTSGSGTILIDLSPDDKEFQSVEEEMQSTVREHRDGGHAGGIFNRYNILKIQKVCN
KKLWERYTHRRKEVSEENHNHANERMLFHGSPFVNAIIHKGFDERHAYIGGMFGAGIYFAENSSKSNQYVYGIGGGTGCP
VHKDRSCYICHRQLLFCRVTLGKSFLQFSAMKMAHSPPGHHSVTGRPSVNGLALAEYVIYRGEQAYPEYLITYQIMRPEG
;
_entity_poly.pdbx_strand_id   A,B
#
# COMPACT_ATOMS: atom_id res chain seq x y z
N GLY A 30 -26.48 -9.29 -25.08
CA GLY A 30 -27.47 -8.28 -24.64
C GLY A 30 -26.94 -6.85 -24.57
N THR A 31 -25.62 -6.65 -24.64
CA THR A 31 -25.10 -5.29 -24.44
C THR A 31 -25.05 -4.52 -25.74
N ILE A 32 -25.54 -3.28 -25.71
CA ILE A 32 -25.21 -2.33 -26.76
C ILE A 32 -24.50 -1.10 -26.19
N LEU A 33 -23.65 -0.49 -27.01
CA LEU A 33 -22.86 0.70 -26.65
C LEU A 33 -23.36 1.87 -27.46
N ILE A 34 -23.80 2.93 -26.77
CA ILE A 34 -24.24 4.16 -27.43
C ILE A 34 -23.21 5.27 -27.25
N ASP A 35 -22.68 5.77 -28.37
CA ASP A 35 -21.73 6.88 -28.37
C ASP A 35 -22.36 8.15 -27.89
N LEU A 36 -21.72 8.83 -26.95
CA LEU A 36 -22.13 10.17 -26.57
C LEU A 36 -21.41 11.21 -27.38
N SER A 37 -22.15 12.22 -27.78
CA SER A 37 -21.54 13.35 -28.46
C SER A 37 -20.72 14.20 -27.48
N PRO A 38 -19.57 14.72 -27.90
CA PRO A 38 -18.84 15.67 -27.05
C PRO A 38 -19.61 16.94 -26.67
N ASP A 39 -20.64 17.29 -27.44
CA ASP A 39 -21.55 18.39 -27.11
C ASP A 39 -22.62 18.05 -26.08
N ASP A 40 -22.75 16.78 -25.70
CA ASP A 40 -23.76 16.34 -24.77
C ASP A 40 -23.26 16.67 -23.35
N LYS A 41 -24.14 17.20 -22.52
CA LYS A 41 -23.81 17.55 -21.12
CA LYS A 41 -23.73 17.57 -21.16
C LYS A 41 -23.34 16.32 -20.34
N GLU A 42 -23.88 15.15 -20.73
CA GLU A 42 -23.54 13.91 -20.10
C GLU A 42 -22.09 13.50 -20.39
N PHE A 43 -21.65 13.68 -21.64
CA PHE A 43 -20.25 13.48 -22.01
C PHE A 43 -19.38 14.40 -21.20
N GLN A 44 -19.78 15.67 -21.16
CA GLN A 44 -18.98 16.69 -20.50
C GLN A 44 -18.83 16.46 -18.99
N SER A 45 -19.89 16.03 -18.33
CA SER A 45 -19.81 15.77 -16.88
C SER A 45 -18.93 14.52 -16.56
N VAL A 46 -18.98 13.50 -17.40
CA VAL A 46 -18.14 12.29 -17.23
C VAL A 46 -16.67 12.63 -17.53
N GLU A 47 -16.40 13.38 -18.59
CA GLU A 47 -15.03 13.83 -18.87
C GLU A 47 -14.49 14.62 -17.71
N GLU A 48 -15.29 15.54 -17.14
CA GLU A 48 -14.78 16.39 -16.02
C GLU A 48 -14.40 15.53 -14.77
N GLU A 49 -15.20 14.51 -14.45
CA GLU A 49 -14.83 13.60 -13.35
CA GLU A 49 -14.85 13.57 -13.37
C GLU A 49 -13.54 12.84 -13.66
N MET A 50 -13.39 12.34 -14.88
CA MET A 50 -12.15 11.69 -15.33
C MET A 50 -10.91 12.62 -15.16
N GLN A 51 -10.98 13.83 -15.68
CA GLN A 51 -9.82 14.71 -15.71
C GLN A 51 -9.51 15.26 -14.32
N SER A 52 -10.54 15.64 -13.57
CA SER A 52 -10.37 16.36 -12.33
C SER A 52 -9.91 15.45 -11.18
N THR A 53 -10.02 14.13 -11.36
CA THR A 53 -9.58 13.19 -10.36
C THR A 53 -8.21 12.55 -10.64
N VAL A 54 -7.42 13.08 -11.57
CA VAL A 54 -6.02 12.66 -11.74
C VAL A 54 -5.20 13.17 -10.54
N ARG A 55 -4.34 12.32 -10.02
CA ARG A 55 -3.33 12.74 -9.05
C ARG A 55 -1.99 12.12 -9.38
N GLU A 56 -0.95 12.60 -8.70
CA GLU A 56 0.35 11.94 -8.68
C GLU A 56 0.31 10.71 -7.77
N HIS A 57 1.06 9.71 -8.17
CA HIS A 57 1.14 8.43 -7.48
C HIS A 57 2.52 8.22 -6.91
N ARG A 58 2.57 7.47 -5.82
CA ARG A 58 3.79 7.27 -5.04
C ARG A 58 4.82 6.42 -5.77
N ASP A 59 4.40 5.69 -6.82
CA ASP A 59 5.32 4.97 -7.67
C ASP A 59 6.00 5.81 -8.75
N GLY A 60 5.76 7.12 -8.76
CA GLY A 60 6.37 8.00 -9.77
C GLY A 60 5.92 7.73 -11.19
N GLY A 61 4.79 7.03 -11.36
CA GLY A 61 4.27 6.61 -12.66
C GLY A 61 4.61 5.22 -13.14
N HIS A 62 5.25 4.41 -12.29
CA HIS A 62 5.67 3.08 -12.68
C HIS A 62 4.53 2.24 -13.24
N ALA A 63 3.40 2.18 -12.53
CA ALA A 63 2.32 1.28 -12.94
C ALA A 63 1.50 1.88 -14.06
N GLY A 64 1.15 3.16 -13.96
CA GLY A 64 0.14 3.78 -14.81
C GLY A 64 0.66 4.73 -15.87
N GLY A 65 1.94 5.08 -15.77
CA GLY A 65 2.53 6.09 -16.65
C GLY A 65 2.66 7.45 -16.05
N ILE A 66 3.39 8.33 -16.75
CA ILE A 66 3.61 9.72 -16.32
C ILE A 66 2.69 10.63 -17.14
N PHE A 67 1.79 11.35 -16.45
CA PHE A 67 0.79 12.20 -17.09
C PHE A 67 0.09 13.04 -16.02
N ASN A 68 -0.43 14.19 -16.44
CA ASN A 68 -1.29 15.03 -15.62
C ASN A 68 -2.73 15.11 -16.12
N ARG A 69 -2.98 14.65 -17.36
CA ARG A 69 -4.31 14.69 -17.93
C ARG A 69 -4.42 13.66 -19.05
N TYR A 70 -5.64 13.48 -19.55
CA TYR A 70 -5.94 12.53 -20.62
C TYR A 70 -6.40 13.21 -21.91
N ASN A 71 -6.26 12.49 -23.02
CA ASN A 71 -6.92 12.81 -24.27
C ASN A 71 -8.10 11.86 -24.35
N ILE A 72 -9.31 12.37 -24.13
CA ILE A 72 -10.49 11.54 -24.18
C ILE A 72 -10.89 11.32 -25.63
N LEU A 73 -10.99 10.06 -26.04
CA LEU A 73 -11.27 9.72 -27.46
C LEU A 73 -12.75 9.41 -27.69
N LYS A 74 -13.38 8.75 -26.72
CA LYS A 74 -14.77 8.39 -26.82
C LYS A 74 -15.37 8.09 -25.43
N ILE A 75 -16.65 8.39 -25.25
CA ILE A 75 -17.42 7.96 -24.09
C ILE A 75 -18.70 7.32 -24.58
N GLN A 76 -18.91 6.07 -24.19
CA GLN A 76 -20.08 5.30 -24.57
C GLN A 76 -20.91 4.86 -23.34
N LYS A 77 -22.24 4.99 -23.44
CA LYS A 77 -23.16 4.45 -22.45
CA LYS A 77 -23.16 4.44 -22.44
C LYS A 77 -23.30 2.95 -22.68
N VAL A 78 -23.24 2.18 -21.60
CA VAL A 78 -23.35 0.74 -21.63
C VAL A 78 -24.78 0.37 -21.29
N CYS A 79 -25.48 -0.25 -22.24
CA CYS A 79 -26.91 -0.58 -22.10
CA CYS A 79 -26.91 -0.57 -22.08
C CYS A 79 -27.12 -2.09 -22.14
N ASN A 80 -27.54 -2.67 -21.01
CA ASN A 80 -27.91 -4.07 -20.95
C ASN A 80 -29.02 -4.21 -19.90
N LYS A 81 -30.22 -4.54 -20.38
CA LYS A 81 -31.41 -4.66 -19.53
C LYS A 81 -31.28 -5.69 -18.39
N LYS A 82 -30.81 -6.88 -18.69
CA LYS A 82 -30.63 -7.94 -17.69
CA LYS A 82 -30.68 -7.91 -17.67
C LYS A 82 -29.63 -7.52 -16.61
N LEU A 83 -28.49 -6.95 -17.04
CA LEU A 83 -27.47 -6.52 -16.06
C LEU A 83 -27.98 -5.37 -15.18
N TRP A 84 -28.75 -4.46 -15.77
CA TRP A 84 -29.30 -3.33 -15.05
C TRP A 84 -30.31 -3.83 -13.99
N GLU A 85 -31.14 -4.79 -14.35
CA GLU A 85 -32.15 -5.32 -13.44
C GLU A 85 -31.51 -6.13 -12.30
N ARG A 86 -30.43 -6.84 -12.60
CA ARG A 86 -29.61 -7.51 -11.59
C ARG A 86 -29.04 -6.49 -10.60
N TYR A 87 -28.51 -5.38 -11.12
CA TYR A 87 -28.01 -4.29 -10.25
C TYR A 87 -29.13 -3.71 -9.36
N THR A 88 -30.27 -3.32 -9.94
CA THR A 88 -31.33 -2.62 -9.16
C THR A 88 -32.03 -3.54 -8.15
N HIS A 89 -32.10 -4.83 -8.46
CA HIS A 89 -32.61 -5.83 -7.51
C HIS A 89 -31.74 -5.86 -6.26
N ARG A 90 -30.43 -5.97 -6.46
CA ARG A 90 -29.49 -5.99 -5.35
C ARG A 90 -29.49 -4.65 -4.58
N ARG A 91 -29.59 -3.54 -5.30
CA ARG A 91 -29.60 -2.20 -4.69
C ARG A 91 -30.78 -2.04 -3.72
N LYS A 92 -31.94 -2.57 -4.12
CA LYS A 92 -33.11 -2.57 -3.26
C LYS A 92 -32.94 -3.43 -2.01
N GLU A 93 -32.31 -4.59 -2.14
CA GLU A 93 -31.99 -5.43 -0.97
C GLU A 93 -31.08 -4.69 0.03
N VAL A 94 -30.03 -4.07 -0.50
CA VAL A 94 -29.09 -3.35 0.34
C VAL A 94 -29.80 -2.18 1.01
N SER A 95 -30.51 -1.39 0.21
CA SER A 95 -31.26 -0.24 0.70
C SER A 95 -32.18 -0.64 1.88
N GLU A 96 -32.88 -1.77 1.73
CA GLU A 96 -33.81 -2.19 2.77
C GLU A 96 -33.12 -2.65 4.07
N GLU A 97 -31.86 -3.08 3.97
CA GLU A 97 -31.03 -3.44 5.13
C GLU A 97 -30.30 -2.22 5.74
N ASN A 98 -30.48 -1.02 5.16
CA ASN A 98 -29.70 0.16 5.57
C ASN A 98 -30.59 1.41 5.53
N HIS A 99 -31.70 1.37 6.29
CA HIS A 99 -32.63 2.51 6.42
C HIS A 99 -32.93 3.26 5.11
N ASN A 100 -33.28 2.45 4.10
CA ASN A 100 -33.63 2.93 2.76
CA ASN A 100 -33.65 2.94 2.75
C ASN A 100 -32.54 3.79 2.13
N HIS A 101 -31.28 3.41 2.35
CA HIS A 101 -30.12 4.13 1.82
C HIS A 101 -29.17 3.18 1.13
N ALA A 102 -29.18 3.20 -0.22
CA ALA A 102 -28.24 2.37 -0.97
C ALA A 102 -26.80 2.84 -0.85
N ASN A 103 -26.57 4.13 -0.57
CA ASN A 103 -25.22 4.72 -0.51
C ASN A 103 -24.50 4.45 -1.87
N GLU A 104 -25.14 4.93 -2.93
CA GLU A 104 -24.71 4.70 -4.29
C GLU A 104 -23.75 5.81 -4.73
N ARG A 105 -22.63 5.40 -5.33
CA ARG A 105 -21.56 6.27 -5.76
C ARG A 105 -21.28 6.02 -7.25
N MET A 106 -20.65 6.98 -7.90
CA MET A 106 -20.07 6.75 -9.25
C MET A 106 -18.55 6.70 -9.11
N LEU A 107 -17.96 5.56 -9.47
CA LEU A 107 -16.55 5.27 -9.21
C LEU A 107 -15.88 4.64 -10.45
N PHE A 108 -14.58 4.80 -10.53
CA PHE A 108 -13.81 4.24 -11.65
C PHE A 108 -13.38 2.81 -11.40
N HIS A 109 -13.29 2.04 -12.50
CA HIS A 109 -12.74 0.71 -12.47
C HIS A 109 -11.85 0.49 -13.69
N GLY A 110 -10.61 0.12 -13.45
CA GLY A 110 -9.68 -0.29 -14.48
C GLY A 110 -9.36 -1.78 -14.40
N SER A 111 -9.29 -2.43 -15.56
CA SER A 111 -9.09 -3.87 -15.60
C SER A 111 -8.71 -4.37 -16.98
N PRO A 112 -7.88 -5.43 -17.05
CA PRO A 112 -7.72 -6.06 -18.38
C PRO A 112 -9.01 -6.71 -18.92
N PHE A 113 -10.02 -6.90 -18.10
CA PHE A 113 -11.22 -7.63 -18.51
C PHE A 113 -12.45 -6.73 -18.73
N VAL A 114 -12.24 -5.46 -19.06
CA VAL A 114 -13.36 -4.54 -19.32
C VAL A 114 -14.32 -5.06 -20.37
N ASN A 115 -13.82 -5.77 -21.39
CA ASN A 115 -14.73 -6.34 -22.40
C ASN A 115 -15.64 -7.44 -21.85
N ALA A 116 -15.13 -8.35 -21.02
CA ALA A 116 -16.00 -9.30 -20.35
C ALA A 116 -17.01 -8.59 -19.44
N ILE A 117 -16.53 -7.55 -18.73
CA ILE A 117 -17.39 -6.91 -17.75
C ILE A 117 -18.61 -6.28 -18.44
N ILE A 118 -18.41 -5.57 -19.54
CA ILE A 118 -19.54 -4.85 -20.12
C ILE A 118 -20.56 -5.79 -20.79
N HIS A 119 -20.14 -7.00 -21.15
CA HIS A 119 -21.02 -7.99 -21.79
C HIS A 119 -21.67 -8.96 -20.82
N LYS A 120 -20.96 -9.36 -19.78
CA LYS A 120 -21.44 -10.38 -18.83
C LYS A 120 -21.65 -9.87 -17.40
N GLY A 121 -21.22 -8.65 -17.09
CA GLY A 121 -21.33 -8.11 -15.72
C GLY A 121 -20.12 -8.44 -14.85
N PHE A 122 -20.04 -7.78 -13.69
CA PHE A 122 -19.00 -8.09 -12.70
C PHE A 122 -19.31 -9.45 -12.02
N ASP A 123 -18.28 -10.24 -11.74
CA ASP A 123 -18.41 -11.52 -11.02
C ASP A 123 -17.04 -11.82 -10.35
N GLU A 124 -16.92 -12.97 -9.69
CA GLU A 124 -15.70 -13.29 -8.94
C GLU A 124 -14.39 -13.31 -9.76
N ARG A 125 -14.48 -13.50 -11.07
CA ARG A 125 -13.31 -13.43 -11.93
C ARG A 125 -12.71 -12.05 -12.07
N HIS A 126 -13.46 -11.02 -11.64
CA HIS A 126 -12.98 -9.63 -11.72
C HIS A 126 -12.43 -9.08 -10.40
N ALA A 127 -12.35 -9.94 -9.39
CA ALA A 127 -11.82 -9.57 -8.08
C ALA A 127 -10.29 -9.47 -8.05
N TYR A 128 -9.79 -8.66 -7.12
CA TYR A 128 -8.37 -8.53 -6.87
C TYR A 128 -8.10 -9.39 -5.63
N ILE A 129 -7.64 -10.62 -5.85
CA ILE A 129 -7.55 -11.59 -4.74
C ILE A 129 -6.60 -11.06 -3.65
N GLY A 130 -5.46 -10.51 -4.08
CA GLY A 130 -4.46 -9.97 -3.16
C GLY A 130 -4.60 -8.51 -2.73
N GLY A 131 -5.78 -7.90 -2.90
CA GLY A 131 -5.96 -6.52 -2.54
C GLY A 131 -5.86 -6.29 -1.03
N MET A 132 -5.50 -5.07 -0.64
CA MET A 132 -5.23 -4.70 0.76
C MET A 132 -6.44 -4.91 1.67
N PHE A 133 -7.64 -4.88 1.10
CA PHE A 133 -8.88 -5.05 1.86
C PHE A 133 -9.60 -6.35 1.57
N GLY A 134 -8.85 -7.37 1.16
CA GLY A 134 -9.41 -8.68 0.89
C GLY A 134 -9.84 -8.87 -0.55
N ALA A 135 -10.18 -10.11 -0.87
CA ALA A 135 -10.53 -10.53 -2.21
C ALA A 135 -11.92 -10.00 -2.54
N GLY A 136 -11.97 -8.92 -3.29
CA GLY A 136 -13.21 -8.35 -3.77
C GLY A 136 -12.94 -7.54 -5.02
N ILE A 137 -13.93 -6.79 -5.47
CA ILE A 137 -13.83 -5.98 -6.68
C ILE A 137 -13.61 -4.54 -6.22
N TYR A 138 -12.55 -3.92 -6.75
CA TYR A 138 -12.01 -2.67 -6.23
C TYR A 138 -12.41 -1.53 -7.18
N PHE A 139 -12.77 -0.41 -6.59
CA PHE A 139 -13.10 0.83 -7.32
C PHE A 139 -12.37 2.02 -6.72
N ALA A 140 -12.16 3.07 -7.53
CA ALA A 140 -11.46 4.27 -7.08
C ALA A 140 -12.22 5.56 -7.36
N GLU A 141 -12.11 6.52 -6.44
CA GLU A 141 -12.47 7.90 -6.73
C GLU A 141 -11.47 8.56 -7.69
N ASN A 142 -10.18 8.23 -7.59
CA ASN A 142 -9.18 8.83 -8.48
C ASN A 142 -9.14 8.03 -9.79
N SER A 143 -9.49 8.65 -10.92
CA SER A 143 -9.39 7.94 -12.21
C SER A 143 -7.95 7.41 -12.45
N SER A 144 -6.95 8.18 -12.01
CA SER A 144 -5.56 7.79 -12.20
C SER A 144 -5.16 6.52 -11.39
N LYS A 145 -5.83 6.27 -10.26
CA LYS A 145 -5.65 4.98 -9.56
CA LYS A 145 -5.68 4.99 -9.55
C LYS A 145 -6.17 3.81 -10.41
N SER A 146 -7.41 3.90 -10.91
CA SER A 146 -7.91 2.84 -11.83
C SER A 146 -7.05 2.66 -13.09
N ASN A 147 -6.48 3.75 -13.61
CA ASN A 147 -5.57 3.68 -14.78
C ASN A 147 -4.35 2.76 -14.53
N GLN A 148 -3.91 2.61 -13.28
CA GLN A 148 -2.81 1.72 -12.94
C GLN A 148 -3.14 0.23 -13.16
N TYR A 149 -4.41 -0.10 -13.33
CA TYR A 149 -4.84 -1.49 -13.49
C TYR A 149 -5.31 -1.87 -14.88
N VAL A 150 -5.32 -0.93 -15.82
CA VAL A 150 -5.79 -1.16 -17.21
CA VAL A 150 -5.85 -1.24 -17.16
C VAL A 150 -5.05 -2.36 -17.86
N TYR A 151 -3.75 -2.42 -17.62
CA TYR A 151 -2.89 -3.48 -18.19
C TYR A 151 -2.53 -4.57 -17.16
N GLY A 152 -3.27 -4.62 -16.06
CA GLY A 152 -3.09 -5.64 -15.04
C GLY A 152 -2.61 -5.06 -13.73
N ILE A 153 -2.49 -5.94 -12.73
CA ILE A 153 -1.98 -5.55 -11.42
C ILE A 153 -0.56 -4.98 -11.59
N GLY A 154 -0.29 -3.82 -10.98
CA GLY A 154 0.98 -3.15 -11.15
C GLY A 154 1.24 -2.62 -12.55
N GLY A 155 0.21 -2.55 -13.38
CA GLY A 155 0.39 -2.21 -14.79
C GLY A 155 0.88 -3.33 -15.68
N GLY A 156 0.95 -4.56 -15.13
CA GLY A 156 1.46 -5.74 -15.82
C GLY A 156 2.73 -5.43 -16.56
N THR A 157 2.74 -5.79 -17.84
CA THR A 157 3.86 -5.49 -18.73
C THR A 157 3.58 -4.30 -19.68
N GLY A 158 2.62 -3.43 -19.34
CA GLY A 158 2.28 -2.31 -20.18
C GLY A 158 1.42 -2.71 -21.36
N CYS A 159 1.33 -1.82 -22.34
CA CYS A 159 0.48 -2.03 -23.51
C CYS A 159 0.91 -3.31 -24.28
N PRO A 160 -0.05 -4.06 -24.85
CA PRO A 160 0.29 -5.25 -25.68
C PRO A 160 1.28 -4.96 -26.84
N VAL A 161 1.19 -3.79 -27.45
CA VAL A 161 1.94 -3.48 -28.66
C VAL A 161 3.38 -3.09 -28.36
N HIS A 162 3.59 -2.15 -27.42
CA HIS A 162 4.94 -1.63 -27.14
C HIS A 162 5.56 -2.11 -25.80
N LYS A 163 4.82 -2.88 -25.01
CA LYS A 163 5.24 -3.31 -23.67
C LYS A 163 5.61 -2.14 -22.76
N ASP A 164 4.88 -1.03 -22.88
CA ASP A 164 5.20 0.22 -22.19
C ASP A 164 4.04 0.62 -21.24
N ARG A 165 4.26 0.55 -19.93
CA ARG A 165 3.27 1.04 -18.94
C ARG A 165 2.93 2.53 -19.06
N SER A 166 3.86 3.34 -19.60
CA SER A 166 3.63 4.74 -19.89
C SER A 166 3.34 5.03 -21.38
N CYS A 167 2.78 4.09 -22.12
CA CYS A 167 2.56 4.32 -23.56
C CYS A 167 1.61 5.49 -23.79
N TYR A 168 2.03 6.43 -24.64
CA TYR A 168 1.21 7.59 -25.02
C TYR A 168 0.45 7.42 -26.34
N ILE A 169 0.64 6.28 -27.00
CA ILE A 169 0.04 6.02 -28.31
C ILE A 169 -1.18 5.12 -28.17
N CYS A 170 -1.05 4.04 -27.42
CA CYS A 170 -2.08 3.01 -27.36
C CYS A 170 -3.34 3.52 -26.62
N HIS A 171 -4.48 3.08 -27.12
CA HIS A 171 -5.80 3.42 -26.55
C HIS A 171 -6.09 2.58 -25.33
N ARG A 172 -6.51 3.23 -24.25
CA ARG A 172 -6.86 2.61 -22.98
C ARG A 172 -8.33 2.76 -22.74
N GLN A 173 -8.90 1.88 -21.91
CA GLN A 173 -10.31 1.97 -21.53
C GLN A 173 -10.48 1.89 -20.03
N LEU A 174 -11.35 2.73 -19.46
CA LEU A 174 -11.79 2.63 -18.09
C LEU A 174 -13.29 2.52 -18.06
N LEU A 175 -13.81 1.96 -16.97
CA LEU A 175 -15.24 2.02 -16.68
C LEU A 175 -15.54 3.05 -15.59
N PHE A 176 -16.61 3.83 -15.80
CA PHE A 176 -17.16 4.70 -14.75
C PHE A 176 -18.47 4.07 -14.34
N CYS A 177 -18.52 3.55 -13.11
CA CYS A 177 -19.53 2.58 -12.69
C CYS A 177 -20.44 3.10 -11.60
N ARG A 178 -21.67 2.62 -11.57
CA ARG A 178 -22.62 2.91 -10.49
C ARG A 178 -22.42 1.80 -9.47
N VAL A 179 -22.06 2.17 -8.23
CA VAL A 179 -21.70 1.20 -7.18
C VAL A 179 -22.54 1.39 -5.91
N THR A 180 -23.16 0.32 -5.46
CA THR A 180 -23.89 0.31 -4.19
C THR A 180 -22.95 -0.04 -3.04
N LEU A 181 -22.73 0.90 -2.11
CA LEU A 181 -21.86 0.62 -0.95
C LEU A 181 -22.61 0.15 0.26
N GLY A 182 -23.89 0.54 0.40
CA GLY A 182 -24.62 0.24 1.62
C GLY A 182 -23.86 0.71 2.86
N LYS A 183 -23.98 -0.05 3.94
CA LYS A 183 -23.19 0.18 5.14
C LYS A 183 -21.74 -0.24 4.90
N SER A 184 -20.85 0.74 4.84
CA SER A 184 -19.48 0.50 4.44
C SER A 184 -18.55 0.45 5.65
N PHE A 185 -17.72 -0.57 5.71
CA PHE A 185 -16.70 -0.69 6.77
C PHE A 185 -15.52 0.25 6.52
N LEU A 186 -15.24 1.14 7.46
CA LEU A 186 -14.19 2.15 7.30
C LEU A 186 -12.85 1.56 7.78
N GLN A 187 -11.92 1.41 6.85
CA GLN A 187 -10.55 0.99 7.11
C GLN A 187 -9.63 2.16 6.91
N PHE A 188 -8.95 2.59 7.98
CA PHE A 188 -7.94 3.62 7.87
C PHE A 188 -6.69 2.89 7.37
N SER A 189 -5.90 3.51 6.50
CA SER A 189 -4.76 2.82 5.91
C SER A 189 -3.81 3.73 5.14
N ALA A 190 -2.57 3.23 4.95
CA ALA A 190 -1.61 3.76 3.97
C ALA A 190 -1.42 2.76 2.82
N MET A 193 -13.46 -15.03 -3.96
CA MET A 193 -13.97 -13.77 -3.41
C MET A 193 -14.40 -13.95 -1.93
N ALA A 194 -13.99 -13.00 -1.09
CA ALA A 194 -14.31 -13.02 0.34
C ALA A 194 -15.76 -12.56 0.57
N HIS A 195 -16.11 -12.38 1.84
CA HIS A 195 -17.35 -11.72 2.25
C HIS A 195 -17.03 -10.35 2.85
N SER A 196 -18.02 -9.46 2.80
CA SER A 196 -17.95 -8.18 3.52
C SER A 196 -17.83 -8.47 5.00
N PRO A 197 -17.25 -7.53 5.77
CA PRO A 197 -17.28 -7.70 7.24
C PRO A 197 -18.73 -7.91 7.71
N PRO A 198 -18.95 -8.79 8.70
CA PRO A 198 -20.36 -9.00 9.09
C PRO A 198 -21.07 -7.69 9.44
N GLY A 199 -22.31 -7.57 8.99
CA GLY A 199 -23.10 -6.34 9.16
C GLY A 199 -22.74 -5.18 8.21
N HIS A 200 -21.92 -5.43 7.19
CA HIS A 200 -21.49 -4.42 6.20
C HIS A 200 -21.67 -4.93 4.77
N HIS A 201 -21.82 -4.01 3.81
CA HIS A 201 -22.02 -4.36 2.39
C HIS A 201 -20.83 -4.04 1.49
N SER A 202 -19.83 -3.37 2.05
CA SER A 202 -18.62 -2.97 1.34
C SER A 202 -17.54 -2.57 2.35
N VAL A 203 -16.33 -2.31 1.85
CA VAL A 203 -15.26 -1.70 2.62
C VAL A 203 -14.82 -0.40 1.95
N THR A 204 -14.52 0.59 2.78
CA THR A 204 -13.96 1.88 2.34
C THR A 204 -12.52 1.93 2.82
N GLY A 205 -11.59 2.05 1.88
CA GLY A 205 -10.20 2.27 2.21
C GLY A 205 -9.93 3.75 2.30
N ARG A 206 -9.86 4.28 3.53
CA ARG A 206 -9.61 5.69 3.77
CA ARG A 206 -9.58 5.69 3.74
C ARG A 206 -8.08 5.93 3.73
N PRO A 207 -7.61 6.87 2.90
CA PRO A 207 -6.17 7.15 2.96
C PRO A 207 -5.73 7.83 4.27
N SER A 208 -4.63 7.34 4.88
CA SER A 208 -4.10 7.84 6.20
C SER A 208 -2.67 8.42 6.16
N VAL A 209 -2.08 8.57 4.96
CA VAL A 209 -0.69 9.03 4.81
C VAL A 209 -0.59 10.09 3.71
N ASN A 210 -0.92 9.67 2.48
CA ASN A 210 -0.93 10.59 1.35
C ASN A 210 -2.19 11.45 1.46
N GLY A 211 -1.94 12.68 1.91
CA GLY A 211 -2.97 13.70 2.01
C GLY A 211 -3.69 14.05 0.73
N LEU A 212 -3.12 13.71 -0.44
CA LEU A 212 -3.82 14.01 -1.70
C LEU A 212 -4.67 12.84 -2.26
N ALA A 213 -4.53 11.64 -1.71
CA ALA A 213 -5.26 10.47 -2.26
C ALA A 213 -6.74 10.51 -1.91
N LEU A 214 -7.60 10.16 -2.88
CA LEU A 214 -9.00 9.91 -2.58
C LEU A 214 -9.23 8.44 -2.17
N ALA A 215 -10.44 8.16 -1.71
CA ALA A 215 -10.81 6.88 -1.19
C ALA A 215 -10.89 5.83 -2.30
N GLU A 216 -10.73 4.58 -1.87
CA GLU A 216 -10.92 3.38 -2.68
C GLU A 216 -11.95 2.51 -1.98
N TYR A 217 -12.61 1.62 -2.72
CA TYR A 217 -13.76 0.89 -2.21
C TYR A 217 -13.75 -0.54 -2.74
N VAL A 218 -14.25 -1.48 -1.94
CA VAL A 218 -14.33 -2.89 -2.30
C VAL A 218 -15.73 -3.39 -2.06
N ILE A 219 -16.28 -4.06 -3.07
CA ILE A 219 -17.53 -4.81 -2.92
C ILE A 219 -17.22 -6.31 -3.08
N TYR A 220 -18.06 -7.13 -2.50
CA TYR A 220 -17.85 -8.58 -2.52
C TYR A 220 -18.92 -9.33 -3.33
N ARG A 221 -19.85 -8.60 -3.93
CA ARG A 221 -20.89 -9.17 -4.80
CA ARG A 221 -20.91 -9.15 -4.79
C ARG A 221 -20.88 -8.37 -6.10
N GLY A 222 -20.70 -9.05 -7.23
CA GLY A 222 -20.67 -8.39 -8.54
C GLY A 222 -21.92 -7.61 -8.90
N GLU A 223 -23.05 -8.04 -8.33
CA GLU A 223 -24.35 -7.37 -8.52
C GLU A 223 -24.44 -5.98 -7.91
N GLN A 224 -23.48 -5.60 -7.05
CA GLN A 224 -23.47 -4.25 -6.48
C GLN A 224 -22.77 -3.19 -7.34
N ALA A 225 -22.46 -3.49 -8.61
CA ALA A 225 -21.94 -2.48 -9.53
C ALA A 225 -22.52 -2.68 -10.92
N TYR A 226 -22.77 -1.58 -11.60
CA TYR A 226 -23.20 -1.58 -13.01
C TYR A 226 -22.19 -0.73 -13.81
N PRO A 227 -21.61 -1.28 -14.90
CA PRO A 227 -20.61 -0.52 -15.67
C PRO A 227 -21.30 0.48 -16.62
N GLU A 228 -21.68 1.66 -16.12
N GLU A 228 -21.57 1.67 -16.12
CA GLU A 228 -22.53 2.64 -16.88
CA GLU A 228 -22.43 2.64 -16.79
C GLU A 228 -21.83 3.26 -18.11
C GLU A 228 -21.84 3.28 -18.06
N TYR A 229 -20.58 3.66 -17.97
CA TYR A 229 -19.84 4.32 -19.07
C TYR A 229 -18.52 3.64 -19.37
N LEU A 230 -18.27 3.48 -20.66
CA LEU A 230 -17.00 2.99 -21.16
C LEU A 230 -16.26 4.18 -21.77
N ILE A 231 -15.11 4.50 -21.19
CA ILE A 231 -14.31 5.65 -21.58
C ILE A 231 -13.04 5.16 -22.28
N THR A 232 -12.84 5.61 -23.53
CA THR A 232 -11.64 5.30 -24.31
C THR A 232 -10.75 6.56 -24.38
N TYR A 233 -9.46 6.40 -24.09
CA TYR A 233 -8.57 7.56 -23.86
C TYR A 233 -7.10 7.20 -24.08
N GLN A 234 -6.29 8.24 -24.17
CA GLN A 234 -4.84 8.12 -24.03
C GLN A 234 -4.39 8.95 -22.86
N ILE A 235 -3.33 8.51 -22.18
CA ILE A 235 -2.62 9.40 -21.25
C ILE A 235 -1.79 10.38 -22.08
N MET A 236 -1.62 11.60 -21.59
CA MET A 236 -0.90 12.65 -22.35
C MET A 236 0.46 12.90 -21.71
N ARG A 237 1.48 13.02 -22.56
CA ARG A 237 2.84 13.30 -22.09
C ARG A 237 2.89 14.74 -21.57
N PRO A 238 3.33 14.98 -20.31
CA PRO A 238 3.46 16.38 -19.84
C PRO A 238 4.38 17.23 -20.75
N GLU A 239 4.09 18.52 -20.85
CA GLU A 239 4.78 19.44 -21.80
C GLU A 239 6.28 19.56 -21.50
N GLY B 30 12.34 13.09 -3.61
CA GLY B 30 12.82 12.20 -4.69
C GLY B 30 12.54 10.72 -4.46
N THR B 31 11.72 10.36 -3.47
CA THR B 31 11.44 8.95 -3.21
C THR B 31 10.30 8.46 -4.08
N ILE B 32 10.51 7.31 -4.72
CA ILE B 32 9.43 6.53 -5.29
C ILE B 32 9.37 5.13 -4.65
N LEU B 33 8.15 4.61 -4.57
CA LEU B 33 7.87 3.30 -3.99
C LEU B 33 7.42 2.37 -5.09
N ILE B 34 8.07 1.22 -5.19
CA ILE B 34 7.70 0.21 -6.20
C ILE B 34 7.12 -1.03 -5.53
N ASP B 35 5.86 -1.40 -5.88
CA ASP B 35 5.22 -2.58 -5.30
C ASP B 35 5.90 -3.84 -5.78
N LEU B 36 6.16 -4.76 -4.87
CA LEU B 36 6.65 -6.08 -5.26
C LEU B 36 5.45 -6.99 -5.39
N SER B 37 5.50 -7.88 -6.38
CA SER B 37 4.42 -8.87 -6.54
C SER B 37 4.61 -9.97 -5.50
N PRO B 38 3.52 -10.48 -4.91
CA PRO B 38 3.61 -11.65 -4.06
C PRO B 38 4.20 -12.91 -4.74
N ASP B 39 4.15 -12.99 -6.07
CA ASP B 39 4.75 -14.11 -6.81
C ASP B 39 6.25 -14.01 -7.05
N ASP B 40 6.83 -12.87 -6.70
CA ASP B 40 8.24 -12.55 -6.86
C ASP B 40 9.00 -13.18 -5.68
N LYS B 41 10.13 -13.81 -5.99
CA LYS B 41 11.03 -14.31 -4.94
C LYS B 41 11.46 -13.24 -3.93
N GLU B 42 11.65 -12.01 -4.40
CA GLU B 42 12.05 -10.94 -3.49
C GLU B 42 11.02 -10.66 -2.39
N PHE B 43 9.74 -10.56 -2.79
CA PHE B 43 8.62 -10.43 -1.85
C PHE B 43 8.63 -11.58 -0.87
N GLN B 44 8.75 -12.78 -1.41
CA GLN B 44 8.68 -14.00 -0.59
C GLN B 44 9.78 -14.07 0.48
N SER B 45 10.97 -13.64 0.10
CA SER B 45 12.11 -13.62 0.97
C SER B 45 11.93 -12.61 2.12
N VAL B 46 11.43 -11.42 1.81
CA VAL B 46 11.16 -10.42 2.85
C VAL B 46 10.05 -10.88 3.81
N GLU B 47 8.97 -11.43 3.27
CA GLU B 47 7.92 -12.00 4.12
C GLU B 47 8.47 -13.09 5.06
N GLU B 48 9.30 -14.00 4.53
CA GLU B 48 9.84 -15.08 5.36
C GLU B 48 10.74 -14.54 6.48
N GLU B 49 11.51 -13.48 6.19
CA GLU B 49 12.30 -12.83 7.25
C GLU B 49 11.39 -12.20 8.33
N MET B 50 10.31 -11.55 7.92
CA MET B 50 9.30 -11.05 8.86
C MET B 50 8.73 -12.15 9.76
N GLN B 51 8.16 -13.17 9.13
CA GLN B 51 7.40 -14.20 9.85
C GLN B 51 8.31 -15.07 10.70
N SER B 52 9.49 -15.39 10.20
CA SER B 52 10.39 -16.33 10.90
C SER B 52 11.08 -15.71 12.12
N THR B 53 11.04 -14.39 12.27
CA THR B 53 11.71 -13.71 13.38
C THR B 53 10.70 -13.11 14.39
N VAL B 54 9.46 -13.58 14.36
CA VAL B 54 8.51 -13.29 15.45
C VAL B 54 8.94 -14.12 16.66
N ARG B 55 9.01 -13.50 17.84
CA ARG B 55 9.18 -14.22 19.09
C ARG B 55 8.17 -13.72 20.14
N GLU B 56 8.12 -14.44 21.27
CA GLU B 56 7.40 -13.98 22.46
C GLU B 56 8.19 -12.89 23.14
N HIS B 57 7.48 -11.91 23.70
CA HIS B 57 8.09 -10.82 24.42
C HIS B 57 7.74 -10.90 25.92
N ARG B 58 8.67 -10.44 26.75
CA ARG B 58 8.56 -10.53 28.22
C ARG B 58 7.43 -9.67 28.80
N ASP B 59 6.93 -8.71 28.02
CA ASP B 59 5.74 -7.92 28.41
C ASP B 59 4.37 -8.57 28.14
N GLY B 60 4.38 -9.84 27.73
CA GLY B 60 3.17 -10.58 27.41
C GLY B 60 2.36 -9.99 26.24
N GLY B 61 2.99 -9.13 25.44
CA GLY B 61 2.29 -8.40 24.37
C GLY B 61 1.85 -6.98 24.64
N HIS B 62 2.17 -6.43 25.81
CA HIS B 62 1.73 -5.11 26.20
C HIS B 62 2.02 -4.03 25.14
N ALA B 63 3.26 -4.00 24.65
CA ALA B 63 3.70 -2.96 23.74
C ALA B 63 3.25 -3.19 22.30
N GLY B 64 3.48 -4.40 21.80
CA GLY B 64 3.27 -4.71 20.35
C GLY B 64 2.04 -5.50 19.99
N GLY B 65 1.38 -6.07 21.01
CA GLY B 65 0.22 -6.93 20.83
C GLY B 65 0.49 -8.43 20.94
N ILE B 66 -0.58 -9.21 20.94
CA ILE B 66 -0.50 -10.66 21.06
C ILE B 66 -0.68 -11.29 19.69
N PHE B 67 0.37 -11.96 19.23
CA PHE B 67 0.37 -12.57 17.88
C PHE B 67 1.55 -13.52 17.73
N ASN B 68 1.39 -14.48 16.85
CA ASN B 68 2.45 -15.39 16.42
C ASN B 68 2.91 -15.18 14.99
N ARG B 69 2.13 -14.46 14.20
CA ARG B 69 2.40 -14.25 12.78
C ARG B 69 1.69 -13.00 12.30
N TYR B 70 2.08 -12.55 11.11
CA TYR B 70 1.50 -11.37 10.47
C TYR B 70 0.66 -11.74 9.25
N ASN B 71 -0.27 -10.85 8.93
CA ASN B 71 -0.87 -10.79 7.57
C ASN B 71 -0.16 -9.68 6.78
N ILE B 72 0.70 -10.07 5.84
CA ILE B 72 1.45 -9.11 5.02
C ILE B 72 0.55 -8.59 3.89
N LEU B 73 0.33 -7.29 3.87
CA LEU B 73 -0.58 -6.67 2.91
C LEU B 73 0.12 -6.14 1.67
N LYS B 74 1.34 -5.61 1.87
CA LYS B 74 2.12 -5.04 0.78
C LYS B 74 3.61 -4.97 1.16
N ILE B 75 4.50 -5.13 0.17
CA ILE B 75 5.92 -4.87 0.34
C ILE B 75 6.39 -3.99 -0.83
N GLN B 76 6.92 -2.83 -0.51
CA GLN B 76 7.42 -1.88 -1.50
C GLN B 76 8.92 -1.66 -1.38
N LYS B 77 9.58 -1.55 -2.54
CA LYS B 77 10.96 -1.09 -2.59
C LYS B 77 10.99 0.42 -2.53
N VAL B 78 11.91 0.97 -1.73
CA VAL B 78 12.03 2.42 -1.53
C VAL B 78 13.21 2.91 -2.35
N CYS B 79 12.96 3.79 -3.30
CA CYS B 79 13.99 4.19 -4.27
C CYS B 79 14.22 5.68 -4.16
N ASN B 80 15.42 6.07 -3.75
CA ASN B 80 15.78 7.48 -3.67
C ASN B 80 17.28 7.57 -3.97
N LYS B 81 17.61 8.16 -5.14
CA LYS B 81 18.99 8.22 -5.63
C LYS B 81 19.89 8.99 -4.66
N LYS B 82 19.43 10.13 -4.20
CA LYS B 82 20.21 10.95 -3.28
C LYS B 82 20.48 10.24 -1.95
N LEU B 83 19.44 9.63 -1.36
CA LEU B 83 19.62 8.90 -0.09
C LEU B 83 20.52 7.68 -0.28
N TRP B 84 20.40 7.03 -1.43
CA TRP B 84 21.24 5.89 -1.75
C TRP B 84 22.72 6.31 -1.83
N GLU B 85 22.99 7.44 -2.47
CA GLU B 85 24.38 7.94 -2.58
C GLU B 85 24.95 8.37 -1.23
N ARG B 86 24.11 8.96 -0.39
CA ARG B 86 24.47 9.32 0.98
C ARG B 86 24.88 8.06 1.76
N TYR B 87 24.09 7.01 1.60
CA TYR B 87 24.38 5.71 2.26
C TYR B 87 25.70 5.05 1.75
N THR B 88 25.89 4.93 0.44
CA THR B 88 27.07 4.29 -0.12
C THR B 88 28.37 5.04 0.14
N HIS B 89 28.29 6.36 0.24
CA HIS B 89 29.46 7.18 0.58
C HIS B 89 29.89 6.90 2.03
N ARG B 90 28.93 6.85 2.94
CA ARG B 90 29.26 6.52 4.33
C ARG B 90 29.74 5.07 4.46
N ARG B 91 29.12 4.16 3.74
CA ARG B 91 29.51 2.74 3.80
C ARG B 91 31.01 2.55 3.38
N LYS B 92 31.40 3.29 2.34
CA LYS B 92 32.78 3.29 1.86
C LYS B 92 33.76 3.82 2.91
N GLU B 93 33.41 4.91 3.57
CA GLU B 93 34.24 5.48 4.67
C GLU B 93 34.38 4.47 5.80
N VAL B 94 33.26 3.86 6.21
CA VAL B 94 33.27 2.93 7.33
C VAL B 94 34.06 1.67 6.93
N SER B 95 33.82 1.17 5.74
CA SER B 95 34.50 0.01 5.24
C SER B 95 36.04 0.17 5.26
N GLU B 96 36.53 1.32 4.79
CA GLU B 96 37.99 1.58 4.77
C GLU B 96 38.56 1.72 6.18
N GLU B 97 37.82 2.38 7.08
CA GLU B 97 38.20 2.46 8.47
C GLU B 97 38.23 1.11 9.16
N ASN B 98 37.40 0.16 8.73
CA ASN B 98 37.33 -1.19 9.30
C ASN B 98 38.01 -2.22 8.40
N HIS B 99 39.11 -1.82 7.77
CA HIS B 99 39.98 -2.70 6.99
C HIS B 99 39.23 -3.48 5.92
N ASN B 100 38.46 -2.71 5.14
CA ASN B 100 37.72 -3.21 3.97
CA ASN B 100 37.71 -3.19 3.97
C ASN B 100 36.57 -4.17 4.35
N HIS B 101 35.84 -3.83 5.41
CA HIS B 101 34.70 -4.63 5.87
C HIS B 101 33.56 -3.74 6.35
N ALA B 102 32.52 -3.60 5.53
CA ALA B 102 31.37 -2.80 5.87
C ALA B 102 30.54 -3.38 7.01
N ASN B 103 30.54 -4.71 7.11
CA ASN B 103 29.74 -5.44 8.12
C ASN B 103 28.27 -5.00 7.94
N GLU B 104 27.80 -5.12 6.71
CA GLU B 104 26.44 -4.70 6.35
C GLU B 104 25.39 -5.79 6.61
N ARG B 105 24.26 -5.39 7.23
CA ARG B 105 23.19 -6.29 7.59
C ARG B 105 21.86 -5.78 7.02
N MET B 106 20.87 -6.67 6.97
CA MET B 106 19.46 -6.29 6.76
C MET B 106 18.76 -6.47 8.11
N LEU B 107 18.17 -5.39 8.60
CA LEU B 107 17.58 -5.31 9.93
C LEU B 107 16.27 -4.54 9.94
N PHE B 108 15.39 -4.90 10.86
CA PHE B 108 14.10 -4.21 11.00
C PHE B 108 14.19 -2.89 11.75
N HIS B 109 13.31 -1.95 11.39
CA HIS B 109 13.11 -0.69 12.14
C HIS B 109 11.63 -0.33 12.19
N GLY B 110 11.11 -0.15 13.40
CA GLY B 110 9.74 0.30 13.64
C GLY B 110 9.76 1.69 14.23
N SER B 111 8.87 2.57 13.76
CA SER B 111 8.87 3.94 14.25
C SER B 111 7.57 4.64 13.86
N PRO B 112 7.10 5.56 14.70
CA PRO B 112 6.00 6.43 14.26
C PRO B 112 6.39 7.40 13.16
N PHE B 113 7.69 7.52 12.84
CA PHE B 113 8.14 8.45 11.80
C PHE B 113 8.57 7.76 10.49
N VAL B 114 8.08 6.54 10.24
CA VAL B 114 8.43 5.84 9.00
C VAL B 114 8.21 6.69 7.74
N ASN B 115 7.15 7.49 7.69
CA ASN B 115 6.88 8.32 6.50
C ASN B 115 7.95 9.38 6.29
N ALA B 116 8.41 10.01 7.35
CA ALA B 116 9.53 10.93 7.26
C ALA B 116 10.84 10.23 6.84
N ILE B 117 11.07 9.02 7.34
CA ILE B 117 12.32 8.32 7.03
C ILE B 117 12.48 7.99 5.55
N ILE B 118 11.42 7.48 4.93
CA ILE B 118 11.51 7.06 3.54
C ILE B 118 11.67 8.25 2.58
N HIS B 119 11.23 9.43 3.01
CA HIS B 119 11.33 10.65 2.18
C HIS B 119 12.61 11.42 2.42
N LYS B 120 13.04 11.53 3.68
CA LYS B 120 14.18 12.37 4.05
C LYS B 120 15.40 11.61 4.57
N GLY B 121 15.28 10.30 4.80
CA GLY B 121 16.40 9.50 5.32
C GLY B 121 16.46 9.54 6.83
N PHE B 122 17.23 8.62 7.41
CA PHE B 122 17.45 8.62 8.87
C PHE B 122 18.30 9.82 9.28
N ASP B 123 18.00 10.39 10.45
CA ASP B 123 18.80 11.47 11.06
C ASP B 123 18.53 11.52 12.57
N GLU B 124 19.11 12.50 13.26
CA GLU B 124 19.00 12.61 14.75
C GLU B 124 17.58 12.54 15.31
N ARG B 125 16.58 13.02 14.57
CA ARG B 125 15.18 12.97 15.01
C ARG B 125 14.63 11.54 15.17
N HIS B 126 15.30 10.58 14.54
CA HIS B 126 14.86 9.16 14.58
C HIS B 126 15.57 8.30 15.65
N ALA B 127 16.40 8.94 16.49
CA ALA B 127 17.09 8.27 17.59
C ALA B 127 16.19 7.99 18.76
N TYR B 128 16.57 6.98 19.53
CA TYR B 128 15.93 6.63 20.78
C TYR B 128 16.89 7.10 21.87
N ILE B 129 16.62 8.29 22.40
CA ILE B 129 17.59 8.96 23.29
C ILE B 129 17.82 8.10 24.54
N GLY B 130 16.76 7.56 25.11
CA GLY B 130 16.84 6.73 26.32
C GLY B 130 17.02 5.24 26.13
N GLY B 131 17.53 4.80 24.97
CA GLY B 131 17.70 3.38 24.70
C GLY B 131 18.82 2.82 25.58
N MET B 132 18.73 1.54 25.88
CA MET B 132 19.67 0.87 26.79
C MET B 132 21.12 0.81 26.33
N PHE B 133 21.39 0.98 25.02
CA PHE B 133 22.76 0.95 24.49
C PHE B 133 23.20 2.30 24.00
N GLY B 134 22.64 3.37 24.58
CA GLY B 134 22.97 4.75 24.26
C GLY B 134 22.01 5.41 23.28
N ALA B 135 22.15 6.73 23.17
CA ALA B 135 21.33 7.56 22.28
C ALA B 135 21.75 7.41 20.82
N GLY B 136 21.00 6.61 20.08
CA GLY B 136 21.26 6.39 18.64
C GLY B 136 20.03 5.80 18.01
N ILE B 137 20.17 5.32 16.78
CA ILE B 137 19.05 4.75 16.01
C ILE B 137 19.15 3.23 16.13
N TYR B 138 18.04 2.61 16.57
CA TYR B 138 17.98 1.23 16.93
C TYR B 138 17.33 0.36 15.86
N PHE B 139 17.89 -0.83 15.65
CA PHE B 139 17.40 -1.82 14.70
C PHE B 139 17.34 -3.19 15.36
N ALA B 140 16.50 -4.07 14.82
CA ALA B 140 16.29 -5.41 15.40
C ALA B 140 16.38 -6.54 14.36
N GLU B 141 16.97 -7.66 14.77
CA GLU B 141 16.85 -8.92 14.05
C GLU B 141 15.45 -9.55 14.18
N ASN B 142 14.78 -9.37 15.33
CA ASN B 142 13.41 -9.84 15.53
C ASN B 142 12.43 -8.80 14.98
N SER B 143 11.66 -9.15 13.96
CA SER B 143 10.62 -8.26 13.46
C SER B 143 9.65 -7.84 14.57
N SER B 144 9.34 -8.76 15.49
CA SER B 144 8.40 -8.49 16.57
C SER B 144 8.93 -7.50 17.59
N LYS B 145 10.25 -7.38 17.74
CA LYS B 145 10.87 -6.31 18.55
C LYS B 145 10.60 -4.93 17.93
N SER B 146 10.83 -4.78 16.63
CA SER B 146 10.53 -3.53 15.93
C SER B 146 9.04 -3.18 15.92
N ASN B 147 8.17 -4.20 15.87
CA ASN B 147 6.71 -4.02 15.96
C ASN B 147 6.29 -3.30 17.26
N GLN B 148 7.06 -3.48 18.32
CA GLN B 148 6.81 -2.77 19.59
C GLN B 148 6.96 -1.24 19.53
N TYR B 149 7.59 -0.70 18.47
CA TYR B 149 7.86 0.73 18.32
C TYR B 149 7.03 1.42 17.23
N VAL B 150 6.18 0.66 16.54
CA VAL B 150 5.38 1.21 15.42
C VAL B 150 4.50 2.38 15.86
N TYR B 151 3.89 2.23 17.04
CA TYR B 151 3.08 3.29 17.62
C TYR B 151 3.80 4.13 18.69
N GLY B 152 5.15 4.06 18.72
CA GLY B 152 5.99 4.83 19.65
C GLY B 152 6.64 3.97 20.72
N ILE B 153 7.44 4.59 21.58
CA ILE B 153 8.11 3.90 22.69
C ILE B 153 7.08 3.20 23.58
N GLY B 154 7.30 1.92 23.89
CA GLY B 154 6.34 1.12 24.65
C GLY B 154 5.00 0.85 23.96
N GLY B 155 4.95 1.06 22.64
CA GLY B 155 3.70 1.00 21.88
C GLY B 155 2.81 2.25 22.00
N GLY B 156 3.30 3.31 22.65
CA GLY B 156 2.51 4.52 22.94
C GLY B 156 1.13 4.17 23.45
N THR B 157 0.10 4.73 22.83
CA THR B 157 -1.29 4.41 23.17
C THR B 157 -1.95 3.47 22.13
N GLY B 158 -1.14 2.81 21.30
CA GLY B 158 -1.64 1.88 20.29
C GLY B 158 -2.12 2.60 19.04
N CYS B 159 -2.96 1.92 18.29
CA CYS B 159 -3.45 2.48 17.02
C CYS B 159 -4.23 3.77 17.25
N PRO B 160 -4.16 4.73 16.29
CA PRO B 160 -4.92 5.99 16.38
C PRO B 160 -6.43 5.79 16.54
N VAL B 161 -6.98 4.85 15.79
CA VAL B 161 -8.44 4.70 15.68
C VAL B 161 -9.04 4.03 16.93
N HIS B 162 -8.42 2.97 17.44
CA HIS B 162 -8.98 2.22 18.56
C HIS B 162 -8.21 2.35 19.89
N LYS B 163 -7.07 3.04 19.90
CA LYS B 163 -6.18 3.10 21.09
C LYS B 163 -5.86 1.70 21.64
N ASP B 164 -5.50 0.78 20.74
CA ASP B 164 -5.32 -0.61 21.07
C ASP B 164 -3.92 -1.02 20.55
N ARG B 165 -3.00 -1.26 21.49
CA ARG B 165 -1.65 -1.75 21.15
C ARG B 165 -1.68 -3.14 20.49
N SER B 166 -2.75 -3.91 20.71
CA SER B 166 -2.96 -5.21 20.07
C SER B 166 -4.02 -5.20 18.96
N CYS B 167 -4.20 -4.06 18.30
CA CYS B 167 -5.24 -3.93 17.27
C CYS B 167 -4.95 -4.88 16.13
N TYR B 168 -5.94 -5.71 15.77
CA TYR B 168 -5.86 -6.65 14.64
C TYR B 168 -6.50 -6.09 13.36
N ILE B 169 -7.02 -4.88 13.42
CA ILE B 169 -7.70 -4.26 12.29
C ILE B 169 -6.79 -3.29 11.55
N CYS B 170 -6.16 -2.38 12.28
CA CYS B 170 -5.48 -1.25 11.66
C CYS B 170 -4.16 -1.70 11.01
N HIS B 171 -3.81 -1.06 9.92
CA HIS B 171 -2.61 -1.36 9.15
C HIS B 171 -1.39 -0.74 9.80
N ARG B 172 -0.33 -1.54 9.95
CA ARG B 172 0.96 -1.13 10.47
C ARG B 172 1.99 -1.12 9.35
N GLN B 173 3.07 -0.38 9.57
CA GLN B 173 4.22 -0.39 8.65
C GLN B 173 5.55 -0.57 9.40
N LEU B 174 6.47 -1.37 8.83
CA LEU B 174 7.85 -1.55 9.31
C LEU B 174 8.77 -1.32 8.14
N LEU B 175 10.02 -0.95 8.43
CA LEU B 175 11.08 -0.89 7.44
C LEU B 175 12.01 -2.08 7.62
N PHE B 176 12.50 -2.59 6.50
CA PHE B 176 13.54 -3.61 6.49
C PHE B 176 14.69 -2.89 5.78
N CYS B 177 15.75 -2.62 6.53
CA CYS B 177 16.77 -1.67 6.17
C CYS B 177 18.15 -2.28 5.97
N ARG B 178 18.90 -1.69 5.06
CA ARG B 178 20.32 -1.99 4.90
C ARG B 178 21.08 -1.16 5.94
N VAL B 179 21.86 -1.80 6.81
CA VAL B 179 22.55 -1.12 7.91
C VAL B 179 24.05 -1.47 7.90
N THR B 180 24.91 -0.44 7.88
CA THR B 180 26.38 -0.61 7.93
C THR B 180 26.82 -0.58 9.40
N LEU B 181 27.31 -1.71 9.92
CA LEU B 181 27.74 -1.79 11.33
C LEU B 181 29.20 -1.45 11.56
N GLY B 182 30.03 -1.64 10.55
CA GLY B 182 31.49 -1.48 10.73
C GLY B 182 32.01 -2.34 11.89
N LYS B 183 33.01 -1.83 12.60
CA LYS B 183 33.46 -2.40 13.87
C LYS B 183 32.40 -2.17 14.91
N SER B 184 31.76 -3.24 15.37
CA SER B 184 30.63 -3.13 16.29
C SER B 184 31.07 -3.53 17.70
N PHE B 185 30.72 -2.69 18.68
CA PHE B 185 31.01 -2.95 20.08
C PHE B 185 29.97 -3.92 20.64
N LEU B 186 30.42 -5.07 21.11
CA LEU B 186 29.53 -6.09 21.64
C LEU B 186 29.16 -5.76 23.08
N GLN B 187 27.88 -5.55 23.34
CA GLN B 187 27.37 -5.29 24.69
C GLN B 187 26.37 -6.37 25.07
N PHE B 188 26.69 -7.18 26.06
CA PHE B 188 25.73 -8.16 26.55
C PHE B 188 24.73 -7.41 27.42
N SER B 189 23.47 -7.84 27.38
CA SER B 189 22.42 -7.15 28.10
C SER B 189 21.68 -8.19 28.88
N ALA B 190 21.20 -7.79 30.04
CA ALA B 190 20.53 -8.73 30.94
C ALA B 190 19.08 -9.07 30.51
N MET B 191 18.62 -8.59 29.34
CA MET B 191 17.32 -9.00 28.79
C MET B 191 17.38 -10.43 28.21
N MET B 193 22.11 13.43 19.60
CA MET B 193 22.54 12.02 19.36
C MET B 193 23.99 11.76 19.79
N ALA B 194 24.20 10.63 20.48
CA ALA B 194 25.52 10.26 21.01
C ALA B 194 26.50 9.94 19.88
N HIS B 195 27.75 9.67 20.27
CA HIS B 195 28.76 9.13 19.36
C HIS B 195 28.99 7.67 19.68
N SER B 196 29.58 6.97 18.71
CA SER B 196 29.89 5.55 18.87
C SER B 196 31.02 5.39 19.91
N PRO B 197 31.17 4.17 20.46
CA PRO B 197 32.36 3.91 21.27
C PRO B 197 33.64 4.20 20.47
N PRO B 198 34.69 4.78 21.12
CA PRO B 198 35.92 5.09 20.37
C PRO B 198 36.47 3.87 19.59
N GLY B 199 36.78 4.09 18.31
CA GLY B 199 37.18 3.04 17.41
C GLY B 199 36.07 2.06 17.04
N HIS B 200 34.80 2.42 17.26
CA HIS B 200 33.64 1.56 16.87
C HIS B 200 32.63 2.38 16.08
N HIS B 201 31.91 1.75 15.14
CA HIS B 201 30.92 2.43 14.31
C HIS B 201 29.46 2.09 14.69
N SER B 202 29.28 1.21 15.67
CA SER B 202 27.96 0.77 16.09
C SER B 202 28.10 0.00 17.38
N VAL B 203 26.96 -0.32 17.98
CA VAL B 203 26.88 -1.22 19.12
C VAL B 203 25.99 -2.40 18.79
N THR B 204 26.41 -3.59 19.22
CA THR B 204 25.61 -4.84 19.12
C THR B 204 25.12 -5.18 20.53
N GLY B 205 23.82 -5.08 20.73
CA GLY B 205 23.17 -5.38 22.00
C GLY B 205 22.68 -6.80 21.96
N ARG B 206 23.28 -7.67 22.76
CA ARG B 206 22.99 -9.11 22.64
C ARG B 206 22.37 -9.64 23.90
N PRO B 207 21.07 -10.00 23.85
CA PRO B 207 20.43 -10.54 25.05
C PRO B 207 21.13 -11.79 25.59
N SER B 208 21.45 -11.78 26.88
CA SER B 208 22.18 -12.88 27.50
C SER B 208 21.31 -13.77 28.41
N VAL B 209 20.06 -13.39 28.70
CA VAL B 209 19.17 -14.21 29.54
C VAL B 209 18.12 -14.98 28.73
N ASN B 210 17.37 -14.28 27.90
CA ASN B 210 16.45 -14.93 26.98
C ASN B 210 17.24 -15.39 25.74
N GLY B 211 17.54 -16.68 25.71
CA GLY B 211 18.30 -17.24 24.60
C GLY B 211 17.54 -17.35 23.27
N LEU B 212 16.24 -17.08 23.26
CA LEU B 212 15.50 -16.95 21.99
C LEU B 212 15.42 -15.51 21.47
N ALA B 213 15.93 -14.54 22.21
CA ALA B 213 15.90 -13.16 21.76
C ALA B 213 17.08 -12.91 20.86
N LEU B 214 16.83 -12.32 19.69
CA LEU B 214 17.92 -11.98 18.77
C LEU B 214 18.53 -10.64 19.11
N ALA B 215 19.60 -10.29 18.39
CA ALA B 215 20.34 -9.05 18.71
C ALA B 215 19.63 -7.79 18.26
N GLU B 216 20.01 -6.70 18.92
CA GLU B 216 19.57 -5.35 18.61
C GLU B 216 20.82 -4.53 18.34
N TYR B 217 20.71 -3.52 17.48
CA TYR B 217 21.88 -2.80 16.99
C TYR B 217 21.61 -1.31 17.01
N VAL B 218 22.67 -0.55 17.28
CA VAL B 218 22.58 0.90 17.40
C VAL B 218 23.65 1.51 16.54
N ILE B 219 23.23 2.46 15.71
CA ILE B 219 24.13 3.33 14.96
C ILE B 219 23.93 4.77 15.43
N TYR B 220 24.98 5.57 15.26
CA TYR B 220 25.01 6.95 15.72
C TYR B 220 25.05 7.97 14.59
N ARG B 221 24.96 7.50 13.35
CA ARG B 221 24.95 8.36 12.17
C ARG B 221 23.84 7.83 11.28
N GLY B 222 22.93 8.70 10.88
CA GLY B 222 21.80 8.32 10.02
C GLY B 222 22.21 7.79 8.65
N GLU B 223 23.36 8.23 8.16
CA GLU B 223 23.89 7.81 6.88
C GLU B 223 24.31 6.34 6.82
N GLN B 224 24.39 5.67 7.97
CA GLN B 224 24.71 4.24 8.03
C GLN B 224 23.51 3.32 7.87
N ALA B 225 22.35 3.84 7.49
CA ALA B 225 21.19 3.00 7.22
C ALA B 225 20.42 3.50 5.99
N TYR B 226 19.89 2.58 5.19
CA TYR B 226 19.05 2.95 4.04
C TYR B 226 17.75 2.16 4.16
N PRO B 227 16.58 2.83 4.11
CA PRO B 227 15.29 2.15 4.32
C PRO B 227 14.83 1.40 3.07
N GLU B 228 15.35 0.21 2.85
CA GLU B 228 15.22 -0.43 1.54
C GLU B 228 13.81 -0.95 1.20
N TYR B 229 13.12 -1.53 2.18
CA TYR B 229 11.77 -2.05 1.99
C TYR B 229 10.80 -1.47 3.01
N LEU B 230 9.60 -1.15 2.54
CA LEU B 230 8.46 -0.69 3.35
C LEU B 230 7.39 -1.78 3.32
N ILE B 231 7.12 -2.35 4.50
CA ILE B 231 6.27 -3.51 4.65
C ILE B 231 5.01 -3.03 5.37
N THR B 232 3.85 -3.27 4.76
CA THR B 232 2.52 -2.95 5.34
C THR B 232 1.84 -4.24 5.75
N TYR B 233 1.33 -4.29 6.99
CA TYR B 233 0.86 -5.54 7.57
C TYR B 233 -0.15 -5.32 8.72
N GLN B 234 -0.77 -6.41 9.10
CA GLN B 234 -1.54 -6.52 10.34
C GLN B 234 -0.91 -7.61 11.20
N ILE B 235 -0.98 -7.46 12.51
CA ILE B 235 -0.74 -8.64 13.39
C ILE B 235 -1.99 -9.52 13.35
N MET B 236 -1.83 -10.84 13.48
CA MET B 236 -2.98 -11.79 13.44
C MET B 236 -3.32 -12.35 14.83
N ARG B 237 -4.61 -12.33 15.17
CA ARG B 237 -5.07 -12.92 16.44
C ARG B 237 -4.83 -14.42 16.45
N PRO B 238 -4.11 -14.97 17.46
CA PRO B 238 -3.90 -16.43 17.51
C PRO B 238 -5.26 -17.16 17.60
N GLU B 239 -5.38 -18.32 16.96
CA GLU B 239 -6.68 -19.01 16.83
C GLU B 239 -6.90 -20.08 17.88
#